data_3E3S
#
_entry.id   3E3S
#
_cell.length_a   57.707
_cell.length_b   57.707
_cell.length_c   149.582
_cell.angle_alpha   90.00
_cell.angle_beta   90.00
_cell.angle_gamma   90.00
#
_symmetry.space_group_name_H-M   'P 41 21 2'
#
loop_
_entity.id
_entity.type
_entity.pdbx_description
1 polymer 'Thaumatin I'
2 non-polymer '5-amino-2,4,6-triiodobenzene-1,3-dicarboxylic acid'
3 non-polymer 'L(+)-TARTARIC ACID'
4 non-polymer 'POTASSIUM ION'
5 water water
#
_entity_poly.entity_id   1
_entity_poly.type   'polypeptide(L)'
_entity_poly.pdbx_seq_one_letter_code
;ATFEIVNRCSYTVWAAASKGDAALDAGGRQLNSGESWTINVEPGTNGGKIWARTDCYFDDSGSGICKTGDCGGLLRCKRF
GRPPTTLAEFSLNQYGKDYIDISNIKGFNVPMDFSPTTRGCRGVRCAADIVGQCPAKLKAPGGGCNDACTVFQTSEYCCT
TGKCGPTEYSRFFKRLCPDAFSYVLDKPTTVTCPGSSNYRVTFCPTA
;
_entity_poly.pdbx_strand_id   A
#
# COMPACT_ATOMS: atom_id res chain seq x y z
N ALA A 1 1.57 -17.55 -6.21
CA ALA A 1 0.36 -16.90 -5.73
C ALA A 1 -0.10 -15.84 -6.72
N THR A 2 -1.42 -15.84 -6.94
CA THR A 2 -1.98 -14.84 -7.83
C THR A 2 -2.56 -13.71 -7.00
N PHE A 3 -2.31 -12.50 -7.49
CA PHE A 3 -2.98 -11.31 -6.97
C PHE A 3 -3.73 -10.61 -8.10
N GLU A 4 -5.05 -10.59 -7.97
CA GLU A 4 -5.81 -9.76 -8.90
C GLU A 4 -5.88 -8.32 -8.37
N ILE A 5 -5.34 -7.44 -9.19
CA ILE A 5 -5.34 -6.04 -8.80
C ILE A 5 -6.39 -5.30 -9.60
N VAL A 6 -7.33 -4.74 -8.85
CA VAL A 6 -8.55 -4.22 -9.45
C VAL A 6 -8.71 -2.75 -9.14
N ASN A 7 -8.82 -1.94 -10.18
CA ASN A 7 -9.04 -0.51 -9.93
C ASN A 7 -10.52 -0.17 -10.04
N ARG A 8 -11.18 0.03 -8.91
CA ARG A 8 -12.59 0.45 -8.90
C ARG A 8 -12.72 1.96 -8.76
N CYS A 9 -11.59 2.67 -8.69
CA CYS A 9 -11.59 4.12 -8.67
C CYS A 9 -12.16 4.66 -9.98
N SER A 10 -12.68 5.88 -9.86
CA SER A 10 -13.21 6.55 -11.05
C SER A 10 -12.06 7.11 -11.86
N TYR A 11 -10.86 7.09 -11.29
CA TYR A 11 -9.70 7.64 -11.96
C TYR A 11 -8.68 6.54 -12.24
N THR A 12 -7.86 6.72 -13.26
CA THR A 12 -6.73 5.82 -13.54
C THR A 12 -5.75 5.78 -12.38
N VAL A 13 -5.24 4.58 -12.13
CA VAL A 13 -4.09 4.39 -11.25
C VAL A 13 -3.09 3.52 -11.99
N TRP A 14 -1.86 3.63 -11.49
CA TRP A 14 -0.77 2.80 -11.98
C TRP A 14 -0.43 1.89 -10.81
N ALA A 15 -0.83 0.64 -10.91
CA ALA A 15 -0.54 -0.34 -9.85
C ALA A 15 0.95 -0.58 -9.78
N ALA A 16 1.46 -0.90 -8.62
CA ALA A 16 2.87 -1.22 -8.42
C ALA A 16 3.03 -2.40 -7.50
N ALA A 17 4.02 -3.25 -7.76
CA ALA A 17 4.22 -4.44 -6.94
C ALA A 17 5.71 -4.65 -6.74
N SER A 18 6.20 -4.67 -5.52
CA SER A 18 7.66 -4.78 -5.36
C SER A 18 7.95 -5.49 -4.04
N LYS A 19 9.11 -6.12 -3.91
CA LYS A 19 9.55 -6.48 -2.53
C LYS A 19 10.73 -5.64 -2.09
N GLY A 20 10.91 -4.47 -2.74
CA GLY A 20 11.81 -3.46 -2.21
C GLY A 20 13.15 -3.53 -2.93
N ASP A 21 13.64 -4.73 -3.23
CA ASP A 21 14.91 -4.85 -3.95
C ASP A 21 14.68 -5.40 -5.35
N ALA A 22 13.42 -5.51 -5.76
CA ALA A 22 13.03 -6.15 -6.99
C ALA A 22 11.52 -6.02 -7.23
N ALA A 23 11.18 -5.96 -8.50
CA ALA A 23 9.82 -6.10 -8.96
C ALA A 23 9.20 -7.43 -8.54
N LEU A 24 7.90 -7.43 -8.27
CA LEU A 24 7.07 -8.61 -8.34
C LEU A 24 6.33 -8.63 -9.66
N ASP A 25 6.40 -9.75 -10.36
CA ASP A 25 5.87 -9.75 -11.73
C ASP A 25 6.50 -8.62 -12.52
N ALA A 26 5.72 -7.93 -13.31
CA ALA A 26 6.24 -6.84 -14.16
C ALA A 26 6.50 -5.58 -13.37
N GLY A 27 6.03 -5.58 -12.13
CA GLY A 27 6.34 -4.54 -11.16
C GLY A 27 5.41 -3.35 -11.22
N GLY A 28 4.77 -3.09 -12.36
CA GLY A 28 3.83 -1.96 -12.45
C GLY A 28 3.01 -2.06 -13.73
N ARG A 29 1.79 -1.54 -13.70
CA ARG A 29 1.00 -1.40 -14.92
C ARG A 29 -0.07 -0.32 -14.80
N GLN A 30 -0.43 0.30 -15.92
CA GLN A 30 -1.63 1.15 -15.85
C GLN A 30 -2.92 0.38 -15.65
N LEU A 31 -3.78 0.83 -14.73
CA LEU A 31 -5.15 0.37 -14.59
C LEU A 31 -6.14 1.51 -14.79
N ASN A 32 -6.77 1.57 -15.96
CA ASN A 32 -7.91 2.47 -16.07
C ASN A 32 -9.00 2.06 -15.11
N SER A 33 -9.92 2.99 -14.87
CA SER A 33 -11.07 2.70 -14.02
C SER A 33 -11.84 1.46 -14.49
N GLY A 34 -11.99 0.48 -13.62
CA GLY A 34 -12.61 -0.78 -13.89
C GLY A 34 -11.69 -1.91 -14.26
N GLU A 35 -10.45 -1.66 -14.65
CA GLU A 35 -9.53 -2.67 -15.09
C GLU A 35 -8.97 -3.52 -13.97
N SER A 36 -8.72 -4.76 -14.36
CA SER A 36 -8.13 -5.77 -13.51
C SER A 36 -6.82 -6.30 -14.12
N TRP A 37 -5.81 -6.44 -13.29
CA TRP A 37 -4.49 -6.90 -13.65
C TRP A 37 -4.11 -8.03 -12.70
N THR A 38 -3.82 -9.21 -13.26
CA THR A 38 -3.45 -10.32 -12.36
C THR A 38 -1.96 -10.60 -12.47
N ILE A 39 -1.32 -10.57 -11.30
CA ILE A 39 0.11 -10.83 -11.23
C ILE A 39 0.31 -12.15 -10.48
N ASN A 40 1.46 -12.70 -10.78
CA ASN A 40 1.97 -13.85 -10.08
C ASN A 40 3.19 -13.45 -9.23
N VAL A 41 3.12 -13.86 -7.99
CA VAL A 41 4.09 -13.54 -6.96
C VAL A 41 4.69 -14.86 -6.48
N GLU A 42 6.01 -14.96 -6.49
CA GLU A 42 6.66 -16.21 -6.11
C GLU A 42 6.36 -16.58 -4.66
N PRO A 43 6.02 -17.85 -4.46
CA PRO A 43 5.93 -18.40 -3.10
C PRO A 43 7.21 -17.99 -2.36
N GLY A 44 6.97 -17.72 -1.10
CA GLY A 44 8.01 -17.43 -0.14
C GLY A 44 8.36 -15.97 -0.17
N THR A 45 7.65 -15.22 -1.03
CA THR A 45 7.98 -13.81 -1.04
C THR A 45 7.76 -13.14 0.30
N ASN A 46 8.82 -12.44 0.72
CA ASN A 46 8.79 -11.81 2.03
C ASN A 46 8.89 -10.30 1.88
N GLY A 47 8.02 -9.60 2.62
CA GLY A 47 8.03 -8.16 2.53
C GLY A 47 7.61 -7.61 1.19
N GLY A 48 6.62 -8.21 0.52
CA GLY A 48 6.07 -7.65 -0.70
C GLY A 48 5.06 -6.57 -0.38
N LYS A 49 4.93 -5.65 -1.32
CA LYS A 49 3.94 -4.59 -1.25
C LYS A 49 3.31 -4.33 -2.62
N ILE A 50 2.02 -4.02 -2.53
CA ILE A 50 1.30 -3.49 -3.68
C ILE A 50 0.70 -2.15 -3.31
N TRP A 51 0.77 -1.24 -4.28
CA TRP A 51 0.19 0.07 -4.00
C TRP A 51 -0.30 0.67 -5.30
N ALA A 52 -1.09 1.73 -5.17
CA ALA A 52 -1.52 2.54 -6.29
C ALA A 52 -0.63 3.78 -6.41
N ARG A 53 -0.37 4.19 -7.65
CA ARG A 53 0.20 5.50 -7.92
C ARG A 53 -0.81 6.34 -8.72
N THR A 54 -0.78 7.64 -8.42
CA THR A 54 -1.71 8.54 -9.08
C THR A 54 -0.98 9.62 -9.87
N ASP A 55 -1.70 10.13 -10.87
CA ASP A 55 -1.27 11.19 -11.75
C ASP A 55 0.11 10.92 -12.32
N CYS A 56 0.24 9.84 -13.10
CA CYS A 56 1.49 9.44 -13.68
C CYS A 56 1.59 9.82 -15.18
N TYR A 57 2.81 10.12 -15.52
CA TYR A 57 3.24 10.26 -16.90
C TYR A 57 4.50 9.46 -17.18
N PHE A 58 4.39 8.58 -18.18
CA PHE A 58 5.46 7.74 -18.67
C PHE A 58 5.63 7.99 -20.17
N ASP A 59 6.89 7.93 -20.60
CA ASP A 59 7.20 7.86 -22.01
C ASP A 59 7.16 6.44 -22.58
N ASP A 60 7.31 6.37 -23.90
CA ASP A 60 7.81 5.24 -24.65
C ASP A 60 8.48 4.15 -23.83
N SER A 61 9.57 4.46 -23.17
CA SER A 61 10.48 3.60 -22.46
C SER A 61 10.00 3.11 -21.09
N GLY A 62 8.87 3.61 -20.63
CA GLY A 62 8.39 3.29 -19.29
C GLY A 62 8.98 4.15 -18.19
N SER A 63 9.46 5.34 -18.54
CA SER A 63 10.08 6.27 -17.61
C SER A 63 9.27 7.54 -17.53
N GLY A 64 9.16 8.06 -16.30
CA GLY A 64 8.40 9.27 -16.12
C GLY A 64 8.30 9.67 -14.65
N ILE A 65 7.09 10.08 -14.26
CA ILE A 65 6.88 10.54 -12.90
C ILE A 65 5.43 10.23 -12.48
N CYS A 66 5.20 10.02 -11.21
CA CYS A 66 3.87 10.03 -10.62
C CYS A 66 3.81 10.96 -9.42
N LYS A 67 2.63 11.45 -9.07
CA LYS A 67 2.52 12.39 -7.95
C LYS A 67 2.38 11.71 -6.61
N THR A 68 1.91 10.47 -6.59
CA THR A 68 1.99 9.62 -5.39
C THR A 68 2.55 8.27 -5.81
N GLY A 69 3.33 7.69 -4.91
CA GLY A 69 3.93 6.40 -5.08
C GLY A 69 4.96 6.16 -6.15
N ASP A 70 5.51 7.21 -6.69
CA ASP A 70 6.53 7.09 -7.74
C ASP A 70 7.66 6.16 -7.26
N CYS A 71 8.12 5.27 -8.14
CA CYS A 71 9.19 4.36 -7.79
C CYS A 71 10.38 4.61 -8.68
N GLY A 72 11.08 5.69 -8.38
CA GLY A 72 12.25 6.00 -9.19
C GLY A 72 11.92 6.25 -10.65
N GLY A 73 10.73 6.79 -10.87
CA GLY A 73 10.26 7.19 -12.16
C GLY A 73 10.04 6.07 -13.15
N LEU A 74 9.97 4.82 -12.71
CA LEU A 74 9.66 3.65 -13.54
C LEU A 74 8.16 3.39 -13.62
N LEU A 75 7.68 3.02 -14.79
CA LEU A 75 6.39 2.35 -14.88
C LEU A 75 6.39 1.04 -14.11
N ARG A 76 7.45 0.29 -14.37
CA ARG A 76 7.59 -1.04 -13.81
C ARG A 76 8.47 -0.98 -12.57
N CYS A 77 7.80 -0.88 -11.41
CA CYS A 77 8.56 -0.65 -10.17
C CYS A 77 9.47 -1.80 -9.83
N LYS A 78 10.72 -1.46 -9.53
CA LYS A 78 11.58 -2.46 -8.89
C LYS A 78 11.78 -2.16 -7.41
N ARG A 79 11.60 -0.92 -7.01
CA ARG A 79 11.74 -0.46 -5.64
C ARG A 79 10.41 0.07 -5.10
N PHE A 80 10.37 0.32 -3.78
CA PHE A 80 9.15 0.85 -3.18
C PHE A 80 8.89 2.28 -3.57
N GLY A 81 7.66 2.70 -3.29
CA GLY A 81 7.13 3.95 -3.80
C GLY A 81 7.28 5.07 -2.77
N ARG A 82 7.37 6.26 -3.34
CA ARG A 82 7.41 7.52 -2.63
C ARG A 82 6.10 7.80 -1.89
N PRO A 83 6.13 8.01 -0.60
CA PRO A 83 4.89 8.35 0.13
C PRO A 83 4.29 9.65 -0.41
N PRO A 84 3.00 9.84 -0.24
CA PRO A 84 2.12 8.93 0.50
C PRO A 84 1.59 7.77 -0.32
N THR A 85 1.55 6.59 0.29
CA THR A 85 1.12 5.38 -0.38
C THR A 85 0.36 4.50 0.61
N THR A 86 -0.92 4.28 0.37
CA THR A 86 -1.59 3.18 1.05
C THR A 86 -0.98 1.85 0.62
N LEU A 87 -0.62 1.00 1.58
CA LEU A 87 0.17 -0.19 1.30
C LEU A 87 -0.55 -1.50 1.66
N ALA A 88 -0.66 -2.34 0.63
CA ALA A 88 -0.99 -3.74 0.80
C ALA A 88 0.33 -4.49 1.03
N GLU A 89 0.45 -5.15 2.16
CA GLU A 89 1.72 -5.75 2.56
C GLU A 89 1.54 -7.24 2.85
N PHE A 90 2.50 -8.02 2.38
CA PHE A 90 2.35 -9.46 2.50
C PHE A 90 3.70 -10.16 2.51
N SER A 91 3.69 -11.24 3.31
CA SER A 91 4.75 -12.21 3.34
C SER A 91 4.13 -13.60 3.22
N LEU A 92 4.65 -14.34 2.24
CA LEU A 92 3.98 -15.56 1.79
C LEU A 92 4.82 -16.77 2.20
N ASN A 93 4.19 -17.84 2.62
CA ASN A 93 4.86 -19.13 2.87
C ASN A 93 5.95 -18.91 3.93
N GLN A 94 5.50 -18.28 5.00
CA GLN A 94 6.37 -18.05 6.17
C GLN A 94 6.00 -19.11 7.20
N TYR A 95 6.81 -20.16 7.23
CA TYR A 95 6.56 -21.30 8.13
C TYR A 95 5.14 -21.81 8.04
N GLY A 96 4.69 -21.99 6.78
CA GLY A 96 3.39 -22.58 6.61
C GLY A 96 2.22 -21.65 6.41
N LYS A 97 2.41 -20.36 6.64
CA LYS A 97 1.30 -19.44 6.51
C LYS A 97 1.71 -18.19 5.71
N ASP A 98 0.64 -17.48 5.34
CA ASP A 98 0.77 -16.17 4.74
C ASP A 98 0.29 -15.09 5.74
N TYR A 99 0.90 -13.91 5.63
CA TYR A 99 0.59 -12.77 6.47
C TYR A 99 0.31 -11.54 5.64
N ILE A 100 -0.89 -10.99 5.82
CA ILE A 100 -1.27 -9.79 5.06
C ILE A 100 -1.71 -8.69 6.02
N ASP A 101 -1.53 -7.47 5.55
CA ASP A 101 -2.05 -6.29 6.23
C ASP A 101 -2.16 -5.12 5.27
N ILE A 102 -2.81 -4.07 5.72
CA ILE A 102 -2.73 -2.75 5.10
C ILE A 102 -2.06 -1.81 6.09
N SER A 103 -1.25 -0.94 5.54
CA SER A 103 -0.50 0.00 6.36
C SER A 103 -0.67 1.41 5.84
N ASN A 104 -0.84 2.31 6.80
CA ASN A 104 -0.79 3.76 6.56
C ASN A 104 0.50 4.37 7.08
N ILE A 105 1.49 3.52 7.39
CA ILE A 105 2.72 4.08 7.98
C ILE A 105 3.47 4.99 7.00
N LYS A 106 3.24 4.79 5.72
CA LYS A 106 3.86 5.58 4.63
C LYS A 106 2.80 6.48 4.01
N GLY A 107 1.79 6.77 4.83
CA GLY A 107 0.68 7.63 4.45
C GLY A 107 -0.37 6.92 3.64
N PHE A 108 -1.27 7.68 3.05
CA PHE A 108 -2.46 7.19 2.36
C PHE A 108 -2.62 7.99 1.07
N ASN A 109 -2.86 7.31 -0.04
CA ASN A 109 -3.16 8.05 -1.28
C ASN A 109 -4.48 7.60 -1.89
N VAL A 110 -4.76 6.31 -1.88
CA VAL A 110 -5.92 5.66 -2.45
C VAL A 110 -6.51 4.63 -1.50
N PRO A 111 -7.82 4.62 -1.34
CA PRO A 111 -8.43 3.63 -0.44
C PRO A 111 -8.30 2.24 -1.03
N MET A 112 -8.28 1.23 -0.18
CA MET A 112 -7.90 -0.11 -0.65
C MET A 112 -8.55 -1.19 0.19
N ASP A 113 -8.96 -2.28 -0.48
CA ASP A 113 -9.33 -3.54 0.16
C ASP A 113 -8.29 -4.58 -0.21
N PHE A 114 -7.86 -5.38 0.74
CA PHE A 114 -6.89 -6.44 0.45
C PHE A 114 -7.44 -7.75 1.02
N SER A 115 -7.91 -8.65 0.14
CA SER A 115 -8.69 -9.78 0.66
C SER A 115 -8.17 -11.07 0.02
N PRO A 116 -8.24 -12.20 0.70
CA PRO A 116 -8.01 -13.48 0.02
C PRO A 116 -9.14 -13.74 -0.97
N THR A 117 -8.78 -14.44 -2.04
CA THR A 117 -9.75 -15.04 -2.95
C THR A 117 -9.95 -16.53 -2.72
N THR A 118 -9.20 -17.04 -1.76
CA THR A 118 -9.28 -18.44 -1.36
C THR A 118 -9.69 -18.56 0.08
N ARG A 119 -9.93 -19.76 0.62
CA ARG A 119 -10.57 -19.92 1.91
C ARG A 119 -9.66 -19.64 3.10
N GLY A 120 -10.26 -19.30 4.24
CA GLY A 120 -9.64 -19.53 5.52
C GLY A 120 -9.02 -18.34 6.20
N CYS A 121 -9.36 -17.14 5.73
CA CYS A 121 -9.05 -15.93 6.48
C CYS A 121 -9.88 -14.77 5.96
N ARG A 122 -9.89 -13.71 6.73
CA ARG A 122 -10.62 -12.50 6.42
C ARG A 122 -9.75 -11.57 5.59
N GLY A 123 -10.33 -10.62 4.89
CA GLY A 123 -9.64 -9.49 4.31
C GLY A 123 -9.48 -8.34 5.30
N VAL A 124 -8.70 -7.35 4.87
CA VAL A 124 -8.61 -6.08 5.57
C VAL A 124 -8.84 -4.94 4.61
N ARG A 125 -9.21 -3.78 5.15
CA ARG A 125 -9.68 -2.69 4.33
C ARG A 125 -9.34 -1.36 4.99
N CYS A 126 -8.91 -0.39 4.17
CA CYS A 126 -8.92 1.01 4.57
C CYS A 126 -9.47 1.86 3.43
N ALA A 127 -10.75 2.20 3.60
CA ALA A 127 -11.49 2.84 2.51
C ALA A 127 -12.17 4.12 2.93
N ALA A 128 -11.82 4.62 4.09
CA ALA A 128 -12.31 5.92 4.55
C ALA A 128 -11.67 7.04 3.74
N ASP A 129 -12.27 8.22 3.76
CA ASP A 129 -11.74 9.34 2.98
C ASP A 129 -10.62 10.04 3.75
N ILE A 130 -9.51 9.33 3.87
CA ILE A 130 -8.38 9.93 4.59
C ILE A 130 -7.87 11.14 3.86
N VAL A 131 -7.88 11.19 2.53
CA VAL A 131 -7.28 12.37 1.92
C VAL A 131 -8.20 13.57 2.23
N GLY A 132 -9.52 13.38 2.17
CA GLY A 132 -10.42 14.51 2.39
C GLY A 132 -10.35 15.04 3.81
N GLN A 133 -10.17 14.09 4.74
CA GLN A 133 -10.16 14.48 6.15
C GLN A 133 -8.77 14.77 6.70
N CYS A 134 -7.74 14.62 5.88
CA CYS A 134 -6.34 14.75 6.25
C CYS A 134 -6.08 16.00 7.08
N PRO A 135 -5.40 15.87 8.24
CA PRO A 135 -4.95 17.09 8.94
C PRO A 135 -4.12 17.96 8.01
N ALA A 136 -4.34 19.26 8.13
CA ALA A 136 -3.73 20.25 7.26
C ALA A 136 -2.22 20.05 7.13
N LYS A 137 -1.55 19.75 8.26
CA LYS A 137 -0.10 19.73 8.20
C LYS A 137 0.38 18.43 7.55
N LEU A 138 -0.51 17.47 7.34
CA LEU A 138 -0.06 16.25 6.66
C LEU A 138 -0.44 16.25 5.18
N LYS A 139 -1.14 17.27 4.71
CA LYS A 139 -1.66 17.19 3.33
C LYS A 139 -0.45 17.22 2.41
N ALA A 140 -0.42 16.35 1.40
CA ALA A 140 0.73 16.50 0.49
C ALA A 140 0.36 17.43 -0.66
N PRO A 141 1.14 18.47 -0.91
CA PRO A 141 0.83 19.36 -2.06
C PRO A 141 0.71 18.53 -3.33
N GLY A 142 1.62 17.58 -3.52
CA GLY A 142 1.51 16.61 -4.60
C GLY A 142 0.26 15.79 -4.65
N GLY A 143 -0.49 15.65 -3.57
CA GLY A 143 -1.64 14.73 -3.61
C GLY A 143 -1.53 13.77 -2.44
N GLY A 144 -2.62 13.46 -1.75
CA GLY A 144 -2.61 12.47 -0.69
C GLY A 144 -2.45 13.01 0.72
N CYS A 145 -2.32 12.07 1.66
CA CYS A 145 -2.17 12.36 3.08
C CYS A 145 -0.91 11.67 3.60
N ASN A 146 0.13 12.47 3.80
CA ASN A 146 1.37 11.95 4.37
C ASN A 146 1.23 11.49 5.81
N ASP A 147 2.01 10.44 6.11
CA ASP A 147 2.31 10.11 7.48
C ASP A 147 3.24 11.14 8.11
N ALA A 148 3.18 11.18 9.44
CA ALA A 148 3.99 12.12 10.20
C ALA A 148 5.50 11.90 10.10
N CYS A 149 5.94 10.67 9.95
CA CYS A 149 7.37 10.44 9.82
C CYS A 149 7.89 11.14 8.56
N THR A 150 7.24 10.86 7.45
CA THR A 150 7.49 11.60 6.22
C THR A 150 7.51 13.10 6.41
N VAL A 151 6.54 13.70 7.09
CA VAL A 151 6.48 15.15 7.15
C VAL A 151 7.53 15.73 8.10
N PHE A 152 7.69 15.13 9.26
CA PHE A 152 8.47 15.79 10.31
C PHE A 152 9.81 15.16 10.66
N GLN A 153 10.03 13.92 10.27
CA GLN A 153 11.33 13.27 10.34
C GLN A 153 11.86 13.22 11.77
N THR A 154 11.05 12.80 12.73
CA THR A 154 11.46 12.70 14.11
C THR A 154 11.55 11.25 14.54
N SER A 155 12.40 11.00 15.55
CA SER A 155 12.54 9.64 16.08
C SER A 155 11.18 9.15 16.54
N GLU A 156 10.35 10.08 17.05
CA GLU A 156 9.09 9.59 17.59
C GLU A 156 8.13 9.16 16.47
N TYR A 157 7.99 9.91 15.40
CA TYR A 157 7.09 9.49 14.34
C TYR A 157 7.62 8.31 13.54
N CYS A 158 8.95 8.29 13.39
CA CYS A 158 9.59 7.28 12.55
C CYS A 158 9.97 6.03 13.35
N CYS A 159 9.87 6.11 14.67
CA CYS A 159 10.10 5.06 15.62
C CYS A 159 11.52 4.51 15.51
N THR A 160 12.41 5.47 15.33
CA THR A 160 13.77 5.21 14.89
C THR A 160 14.49 4.29 15.87
N THR A 161 14.26 4.57 17.15
CA THR A 161 14.91 3.81 18.21
C THR A 161 14.21 2.46 18.41
N GLY A 162 12.96 2.36 17.97
CA GLY A 162 12.12 1.18 18.17
C GLY A 162 11.31 1.39 19.44
N LYS A 163 11.50 2.59 19.94
CA LYS A 163 10.80 3.24 21.01
C LYS A 163 9.94 4.38 20.48
N CYS A 164 8.63 4.12 20.52
CA CYS A 164 7.76 5.25 20.15
C CYS A 164 6.36 4.91 20.60
N GLY A 165 5.47 5.87 20.74
CA GLY A 165 4.09 5.60 21.12
C GLY A 165 3.21 6.15 20.00
N PRO A 166 1.91 6.00 20.16
CA PRO A 166 0.98 6.60 19.19
C PRO A 166 1.04 8.12 19.34
N THR A 167 0.54 8.82 18.35
CA THR A 167 0.60 10.26 18.28
C THR A 167 -0.71 10.83 17.78
N GLU A 168 -0.82 12.16 17.89
CA GLU A 168 -2.04 12.81 17.42
C GLU A 168 -2.23 12.45 15.94
N TYR A 169 -1.13 12.45 15.19
CA TYR A 169 -1.19 12.12 13.77
C TYR A 169 -1.50 10.66 13.54
N SER A 170 -0.78 9.75 14.23
CA SER A 170 -1.11 8.33 13.99
C SER A 170 -2.56 8.05 14.36
N ARG A 171 -3.09 8.73 15.39
CA ARG A 171 -4.44 8.41 15.83
C ARG A 171 -5.48 8.84 14.79
N PHE A 172 -5.15 9.85 14.01
CA PHE A 172 -6.00 10.26 12.89
C PHE A 172 -6.15 9.05 11.96
N PHE A 173 -5.03 8.50 11.50
CA PHE A 173 -5.08 7.36 10.59
C PHE A 173 -5.86 6.22 11.20
N LYS A 174 -5.65 6.02 12.52
CA LYS A 174 -6.24 4.86 13.14
C LYS A 174 -7.75 5.03 13.32
N ARG A 175 -8.14 6.26 13.52
CA ARG A 175 -9.55 6.57 13.71
C ARG A 175 -10.31 6.31 12.41
N LEU A 176 -9.69 6.76 11.33
CA LEU A 176 -10.32 6.64 10.01
C LEU A 176 -10.26 5.18 9.53
N CYS A 177 -9.17 4.51 9.85
CA CYS A 177 -8.90 3.14 9.46
C CYS A 177 -8.31 2.28 10.57
N PRO A 178 -9.19 1.79 11.44
CA PRO A 178 -8.78 0.93 12.54
C PRO A 178 -8.03 -0.32 12.11
N ASP A 179 -8.25 -0.80 10.90
CA ASP A 179 -7.73 -2.11 10.50
C ASP A 179 -6.46 -1.98 9.67
N ALA A 180 -5.85 -0.80 9.78
CA ALA A 180 -4.59 -0.58 9.13
C ALA A 180 -3.52 -0.08 10.10
N PHE A 181 -2.28 -0.49 9.86
CA PHE A 181 -1.23 0.04 10.73
C PHE A 181 -1.16 1.57 10.67
N SER A 182 -1.13 2.24 11.82
CA SER A 182 -1.08 3.71 11.83
C SER A 182 0.28 4.29 12.20
N TYR A 183 1.13 3.45 12.77
CA TYR A 183 2.49 3.77 13.12
C TYR A 183 3.25 2.46 13.34
N VAL A 184 4.56 2.60 13.45
CA VAL A 184 5.43 1.41 13.39
C VAL A 184 5.05 0.44 14.49
N LEU A 185 4.78 0.88 15.72
CA LEU A 185 4.51 -0.04 16.81
C LEU A 185 3.05 -0.20 17.18
N ASP A 186 2.23 0.15 16.19
CA ASP A 186 0.78 -0.09 16.30
C ASP A 186 0.48 -1.54 16.68
N LYS A 187 -0.53 -1.74 17.52
CA LYS A 187 -1.14 -3.06 17.67
C LYS A 187 -1.38 -3.71 16.29
N PRO A 188 -0.70 -4.82 16.01
CA PRO A 188 -0.80 -5.40 14.68
C PRO A 188 -2.23 -5.75 14.29
N THR A 189 -2.50 -5.48 13.03
CA THR A 189 -3.74 -5.79 12.34
C THR A 189 -3.46 -6.79 11.21
N THR A 190 -2.41 -7.57 11.40
CA THR A 190 -1.97 -8.52 10.39
C THR A 190 -2.86 -9.74 10.40
N VAL A 191 -3.32 -10.20 9.26
CA VAL A 191 -4.16 -11.39 9.19
C VAL A 191 -3.36 -12.60 8.77
N THR A 192 -3.58 -13.71 9.48
CA THR A 192 -2.91 -14.96 9.13
C THR A 192 -3.79 -15.72 8.15
N CYS A 193 -3.28 -15.98 6.96
CA CYS A 193 -3.92 -16.78 5.95
C CYS A 193 -3.16 -18.08 5.69
N PRO A 194 -3.86 -19.08 5.17
CA PRO A 194 -3.18 -20.35 4.82
C PRO A 194 -2.02 -20.10 3.88
N GLY A 195 -0.93 -20.86 4.02
CA GLY A 195 0.17 -20.67 3.07
C GLY A 195 -0.35 -20.85 1.65
N SER A 196 0.19 -20.07 0.73
CA SER A 196 -0.16 -20.16 -0.68
C SER A 196 -1.63 -19.82 -0.94
N SER A 197 -2.20 -18.95 -0.13
CA SER A 197 -3.43 -18.26 -0.50
C SER A 197 -3.20 -17.42 -1.75
N ASN A 198 -4.33 -17.04 -2.36
CA ASN A 198 -4.40 -16.09 -3.44
C ASN A 198 -5.28 -14.92 -3.01
N TYR A 199 -5.12 -13.78 -3.70
CA TYR A 199 -5.54 -12.49 -3.15
C TYR A 199 -6.07 -11.59 -4.27
N ARG A 200 -6.84 -10.60 -3.88
CA ARG A 200 -7.32 -9.49 -4.67
C ARG A 200 -7.07 -8.20 -3.88
N VAL A 201 -6.42 -7.29 -4.58
CA VAL A 201 -6.29 -5.93 -4.04
C VAL A 201 -7.22 -5.04 -4.87
N THR A 202 -8.14 -4.39 -4.19
CA THR A 202 -9.12 -3.53 -4.85
C THR A 202 -8.92 -2.07 -4.42
N PHE A 203 -8.63 -1.22 -5.37
CA PHE A 203 -8.56 0.19 -5.10
C PHE A 203 -9.94 0.79 -5.18
N CYS A 204 -10.23 1.71 -4.27
CA CYS A 204 -11.55 2.31 -4.16
C CYS A 204 -12.65 1.26 -4.07
N PRO A 205 -12.58 0.37 -3.10
CA PRO A 205 -13.53 -0.73 -3.02
C PRO A 205 -14.97 -0.28 -2.79
N THR A 206 -15.18 0.87 -2.17
CA THR A 206 -16.54 1.35 -1.94
C THR A 206 -16.79 2.66 -2.68
N ALA A 207 -18.04 3.09 -2.74
#